data_4U5R
#
_entry.id   4U5R
#
_cell.length_a   99.795
_cell.length_b   57.784
_cell.length_c   92.026
_cell.angle_alpha   90.0
_cell.angle_beta   90.41
_cell.angle_gamma   90.0
#
_symmetry.space_group_name_H-M   'C 1 2 1'
#
loop_
_entity.id
_entity.type
_entity.pdbx_description
1 polymer RhCC
2 non-polymer 2-AMINO-2-HYDROXYMETHYL-PROPANE-1,3-DIOL
3 water water
#
_entity_poly.entity_id   1
_entity_poly.type   'polypeptide(L)'
_entity_poly.pdbx_seq_one_letter_code
;PYWEIFTPENAFTPDDKEQLSEAITSIYVDYVNLPRFYVVVLFKDMPKETMYVGGKANNNFVRIRLDHIARQMETAEVRA
LMMTVAEEKLAPFIKERGYDWEIHIAETPMDLWRTQGLVPPPPESDMEKLWAKENRPIPYDVAASKLAAALE
;
_entity_poly.pdbx_strand_id   A,B,C
#
# COMPACT_ATOMS: atom_id res chain seq x y z
N PRO A 1 11.69 -4.87 4.54
CA PRO A 1 10.61 -4.10 5.15
C PRO A 1 10.45 -2.76 4.44
N TYR A 2 9.20 -2.40 4.21
CA TYR A 2 8.87 -1.16 3.53
C TYR A 2 7.96 -0.35 4.45
N TRP A 3 8.49 0.72 5.06
CA TRP A 3 7.70 1.52 6.00
C TRP A 3 7.26 2.84 5.39
N GLU A 4 6.00 3.22 5.58
CA GLU A 4 5.57 4.57 5.31
C GLU A 4 5.15 5.22 6.61
N ILE A 5 5.69 6.41 6.88
CA ILE A 5 5.31 7.17 8.06
C ILE A 5 4.77 8.53 7.61
N PHE A 6 3.45 8.69 7.73
CA PHE A 6 2.74 9.92 7.37
C PHE A 6 2.66 10.82 8.59
N THR A 7 3.19 12.05 8.48
CA THR A 7 3.27 12.92 9.64
C THR A 7 2.74 14.30 9.34
N PRO A 8 2.40 15.05 10.40
CA PRO A 8 2.13 16.47 10.22
C PRO A 8 3.35 17.11 9.59
N GLU A 9 3.13 18.11 8.74
CA GLU A 9 4.23 18.85 8.13
C GLU A 9 5.23 19.34 9.17
N ASN A 10 6.51 19.07 8.91
CA ASN A 10 7.64 19.51 9.74
C ASN A 10 7.64 18.89 11.14
N ALA A 11 7.01 17.74 11.29
CA ALA A 11 7.06 17.02 12.56
C ALA A 11 8.49 16.64 12.95
N PHE A 12 9.22 16.12 11.98
CA PHE A 12 10.54 15.54 12.24
C PHE A 12 11.64 16.28 11.50
N THR A 13 12.74 16.53 12.20
CA THR A 13 13.96 17.03 11.58
C THR A 13 14.68 15.89 10.87
N PRO A 14 15.67 16.21 10.02
CA PRO A 14 16.46 15.11 9.46
C PRO A 14 17.13 14.27 10.55
N ASP A 15 17.61 14.88 11.62
CA ASP A 15 18.20 14.11 12.71
CA ASP A 15 18.19 14.12 12.72
C ASP A 15 17.17 13.16 13.33
N ASP A 16 15.94 13.65 13.50
CA ASP A 16 14.83 12.83 13.99
C ASP A 16 14.60 11.59 13.12
N LYS A 17 14.56 11.83 11.82
CA LYS A 17 14.28 10.80 10.83
C LYS A 17 15.41 9.79 10.79
N GLU A 18 16.64 10.27 10.93
CA GLU A 18 17.79 9.39 10.99
C GLU A 18 17.68 8.51 12.22
N GLN A 19 17.42 9.12 13.36
CA GLN A 19 17.38 8.35 14.58
C GLN A 19 16.21 7.38 14.58
N LEU A 20 15.04 7.81 14.10
CA LEU A 20 13.90 6.89 14.09
C LEU A 20 14.10 5.78 13.06
N SER A 21 14.61 6.11 11.87
CA SER A 21 14.77 5.09 10.84
C SER A 21 15.88 4.14 11.28
N GLU A 22 16.86 4.64 12.04
CA GLU A 22 17.88 3.78 12.64
C GLU A 22 17.29 2.81 13.66
N ALA A 23 16.37 3.30 14.49
CA ALA A 23 15.72 2.46 15.49
C ALA A 23 14.90 1.37 14.83
N ILE A 24 14.18 1.75 13.77
CA ILE A 24 13.43 0.78 12.97
C ILE A 24 14.34 -0.26 12.31
N THR A 25 15.43 0.20 11.68
CA THR A 25 16.41 -0.71 11.09
C THR A 25 16.93 -1.70 12.13
N SER A 26 17.14 -1.23 13.36
CA SER A 26 17.71 -2.09 14.41
C SER A 26 16.80 -3.26 14.76
N ILE A 27 15.48 -3.09 14.61
CA ILE A 27 14.56 -4.22 14.81
C ILE A 27 14.94 -5.42 13.96
N TYR A 28 15.18 -5.17 12.68
CA TYR A 28 15.43 -6.25 11.73
C TYR A 28 16.89 -6.72 11.80
N VAL A 29 17.82 -5.81 12.11
CA VAL A 29 19.21 -6.22 12.29
C VAL A 29 19.33 -7.12 13.53
N ASP A 30 18.72 -6.69 14.63
CA ASP A 30 18.90 -7.37 15.91
C ASP A 30 18.14 -8.68 15.98
N TYR A 31 16.90 -8.68 15.51
CA TYR A 31 16.03 -9.84 15.71
C TYR A 31 16.20 -10.91 14.65
N VAL A 32 16.41 -10.50 13.40
CA VAL A 32 16.39 -11.46 12.31
C VAL A 32 17.61 -11.34 11.38
N ASN A 33 18.57 -10.52 11.78
CA ASN A 33 19.85 -10.40 11.07
C ASN A 33 19.69 -10.05 9.60
N LEU A 34 18.81 -9.12 9.33
CA LEU A 34 18.52 -8.69 7.97
C LEU A 34 19.55 -7.67 7.51
N PRO A 35 19.92 -7.68 6.23
CA PRO A 35 20.78 -6.61 5.71
C PRO A 35 20.14 -5.25 5.91
N ARG A 36 20.90 -4.27 6.37
CA ARG A 36 20.35 -2.97 6.73
C ARG A 36 19.61 -2.34 5.57
N PHE A 37 20.17 -2.44 4.37
CA PHE A 37 19.62 -1.73 3.24
C PHE A 37 18.24 -2.26 2.82
N TYR A 38 17.84 -3.43 3.31
CA TYR A 38 16.48 -3.89 3.06
C TYR A 38 15.47 -2.95 3.70
N VAL A 39 15.88 -2.24 4.75
CA VAL A 39 14.90 -1.50 5.54
C VAL A 39 14.74 -0.12 4.98
N VAL A 40 13.60 0.10 4.33
CA VAL A 40 13.32 1.35 3.66
C VAL A 40 12.20 2.08 4.41
N VAL A 41 12.48 3.30 4.85
CA VAL A 41 11.49 4.11 5.56
C VAL A 41 11.27 5.42 4.79
N LEU A 42 10.02 5.63 4.37
CA LEU A 42 9.63 6.84 3.63
C LEU A 42 8.84 7.73 4.55
N PHE A 43 9.33 8.95 4.76
CA PHE A 43 8.63 9.94 5.55
C PHE A 43 7.79 10.86 4.64
N LYS A 44 6.49 10.89 4.89
CA LYS A 44 5.61 11.64 4.02
C LYS A 44 4.89 12.74 4.81
N ASP A 45 5.35 13.97 4.63
CA ASP A 45 4.73 15.12 5.29
C ASP A 45 3.34 15.36 4.71
N MET A 46 2.37 15.48 5.62
CA MET A 46 0.98 15.75 5.24
C MET A 46 0.58 17.13 5.71
N PRO A 47 0.24 18.01 4.76
CA PRO A 47 -0.28 19.33 5.13
C PRO A 47 -1.49 19.28 6.04
N LYS A 48 -1.77 20.39 6.70
CA LYS A 48 -2.99 20.51 7.49
C LYS A 48 -4.18 20.22 6.59
N GLU A 49 -5.20 19.61 7.20
CA GLU A 49 -6.45 19.26 6.54
C GLU A 49 -6.25 18.28 5.38
N THR A 50 -5.44 17.27 5.63
CA THR A 50 -5.29 16.18 4.66
C THR A 50 -5.46 14.82 5.30
N MET A 51 -5.35 14.73 6.63
CA MET A 51 -5.55 13.46 7.35
C MET A 51 -6.85 13.51 8.16
N TYR A 52 -7.85 12.75 7.73
CA TYR A 52 -9.17 12.77 8.35
C TYR A 52 -9.41 11.51 9.15
N VAL A 53 -9.67 11.69 10.43
CA VAL A 53 -9.92 10.57 11.34
C VAL A 53 -11.36 10.66 11.83
N GLY A 54 -12.17 9.64 11.50
CA GLY A 54 -13.57 9.68 11.87
C GLY A 54 -14.32 10.86 11.29
N GLY A 55 -13.91 11.31 10.11
CA GLY A 55 -14.60 12.36 9.39
C GLY A 55 -14.18 13.76 9.81
N LYS A 56 -13.12 13.85 10.61
CA LYS A 56 -12.65 15.16 11.07
C LYS A 56 -11.15 15.26 10.87
N ALA A 57 -10.66 16.42 10.44
CA ALA A 57 -9.24 16.60 10.26
C ALA A 57 -8.52 16.38 11.58
N ASN A 58 -7.44 15.61 11.54
CA ASN A 58 -6.55 15.53 12.67
C ASN A 58 -5.14 15.92 12.22
N ASN A 59 -4.74 17.12 12.62
CA ASN A 59 -3.45 17.66 12.22
C ASN A 59 -2.34 17.29 13.19
N ASN A 60 -2.65 16.39 14.12
CA ASN A 60 -1.72 15.91 15.15
C ASN A 60 -1.68 14.38 15.13
N PHE A 61 -1.69 13.81 13.93
CA PHE A 61 -1.85 12.36 13.78
C PHE A 61 -0.76 11.80 12.88
N VAL A 62 -0.12 10.74 13.36
CA VAL A 62 0.91 10.04 12.62
C VAL A 62 0.39 8.66 12.26
N ARG A 63 0.34 8.36 10.96
CA ARG A 63 -0.14 7.05 10.49
C ARG A 63 1.03 6.29 9.89
N ILE A 64 1.19 5.04 10.33
CA ILE A 64 2.29 4.18 9.91
C ILE A 64 1.73 2.94 9.23
N ARG A 65 2.29 2.60 8.07
CA ARG A 65 1.92 1.38 7.36
C ARG A 65 3.18 0.70 6.86
N LEU A 66 3.30 -0.61 7.04
CA LEU A 66 4.46 -1.31 6.53
C LEU A 66 4.13 -2.59 5.78
N ASP A 67 4.95 -2.92 4.79
CA ASP A 67 4.91 -4.23 4.17
C ASP A 67 6.08 -5.04 4.69
N HIS A 68 5.80 -6.29 5.07
CA HIS A 68 6.84 -7.26 5.35
C HIS A 68 6.91 -8.18 4.15
N ILE A 69 8.11 -8.34 3.60
CA ILE A 69 8.31 -9.07 2.35
C ILE A 69 9.24 -10.26 2.50
N ALA A 70 10.33 -10.07 3.25
CA ALA A 70 11.42 -11.04 3.32
C ALA A 70 11.04 -12.30 4.07
N ARG A 71 10.29 -12.12 5.16
CA ARG A 71 9.88 -13.25 5.98
C ARG A 71 8.42 -13.16 6.39
N GLN A 72 7.85 -14.32 6.69
CA GLN A 72 6.54 -14.36 7.32
C GLN A 72 6.72 -14.64 8.81
N MET A 73 5.83 -14.05 9.61
CA MET A 73 5.79 -14.33 11.03
C MET A 73 4.70 -15.38 11.26
N GLU A 74 5.12 -16.57 11.69
CA GLU A 74 4.26 -17.75 11.68
C GLU A 74 3.54 -18.08 12.98
N THR A 75 3.93 -17.45 14.09
CA THR A 75 3.27 -17.73 15.36
C THR A 75 2.67 -16.47 15.98
N ALA A 76 1.63 -16.63 16.78
CA ALA A 76 1.00 -15.50 17.47
C ALA A 76 2.02 -14.73 18.29
N GLU A 77 2.91 -15.46 18.96
CA GLU A 77 3.93 -14.85 19.82
C GLU A 77 4.90 -13.96 19.03
N VAL A 78 5.41 -14.46 17.91
CA VAL A 78 6.34 -13.67 17.11
C VAL A 78 5.62 -12.45 16.54
N ARG A 79 4.39 -12.64 16.09
CA ARG A 79 3.61 -11.55 15.53
C ARG A 79 3.35 -10.46 16.57
N ALA A 80 2.94 -10.87 17.76
CA ALA A 80 2.77 -9.92 18.87
C ALA A 80 4.08 -9.22 19.23
N LEU A 81 5.18 -9.96 19.22
CA LEU A 81 6.47 -9.38 19.56
C LEU A 81 6.87 -8.28 18.57
N MET A 82 6.61 -8.50 17.28
CA MET A 82 6.89 -7.49 16.26
C MET A 82 6.15 -6.20 16.56
N MET A 83 4.87 -6.31 16.91
CA MET A 83 4.07 -5.12 17.16
C MET A 83 4.59 -4.41 18.40
N THR A 84 4.92 -5.18 19.42
CA THR A 84 5.45 -4.64 20.66
C THR A 84 6.76 -3.89 20.45
N VAL A 85 7.68 -4.48 19.70
CA VAL A 85 8.96 -3.82 19.46
C VAL A 85 8.80 -2.59 18.56
N ALA A 86 7.95 -2.67 17.54
CA ALA A 86 7.67 -1.50 16.71
C ALA A 86 7.20 -0.33 17.58
N GLU A 87 6.27 -0.61 18.48
CA GLU A 87 5.75 0.44 19.34
C GLU A 87 6.82 0.99 20.26
N GLU A 88 7.68 0.12 20.76
CA GLU A 88 8.80 0.56 21.58
C GLU A 88 9.73 1.54 20.86
N LYS A 89 10.03 1.27 19.59
CA LYS A 89 10.93 2.12 18.82
C LYS A 89 10.28 3.44 18.43
N LEU A 90 8.95 3.40 18.25
CA LEU A 90 8.22 4.58 17.83
C LEU A 90 7.95 5.54 18.99
N ALA A 91 7.77 5.00 20.21
CA ALA A 91 7.31 5.80 21.37
C ALA A 91 8.07 7.11 21.62
N PRO A 92 9.42 7.10 21.58
CA PRO A 92 10.10 8.36 21.89
C PRO A 92 9.80 9.50 20.93
N PHE A 93 9.41 9.17 19.70
CA PHE A 93 9.25 10.19 18.66
C PHE A 93 7.80 10.59 18.41
N ILE A 94 6.89 9.70 18.82
CA ILE A 94 5.48 9.84 18.45
C ILE A 94 4.60 9.91 19.70
N LYS A 95 4.39 8.78 20.39
CA LYS A 95 3.61 8.77 21.64
C LYS A 95 4.09 9.85 22.62
N GLU A 96 5.40 9.89 22.86
CA GLU A 96 5.93 10.75 23.90
C GLU A 96 6.04 12.21 23.46
N ARG A 97 5.73 12.47 22.19
CA ARG A 97 5.65 13.85 21.71
C ARG A 97 4.19 14.31 21.59
N GLY A 98 3.26 13.49 22.08
CA GLY A 98 1.87 13.90 22.18
C GLY A 98 1.02 13.64 20.96
N TYR A 99 1.56 12.91 19.98
CA TYR A 99 0.78 12.62 18.77
C TYR A 99 -0.24 11.53 19.01
N ASP A 100 -1.29 11.52 18.19
CA ASP A 100 -2.12 10.33 18.07
C ASP A 100 -1.50 9.50 16.97
N TRP A 101 -1.61 8.18 17.03
CA TRP A 101 -0.97 7.36 16.01
C TRP A 101 -1.64 6.01 15.87
N GLU A 102 -1.35 5.38 14.73
CA GLU A 102 -1.90 4.09 14.39
C GLU A 102 -0.95 3.40 13.42
N ILE A 103 -0.86 2.08 13.50
CA ILE A 103 0.10 1.30 12.71
C ILE A 103 -0.51 -0.02 12.27
N HIS A 104 -0.25 -0.41 11.03
CA HIS A 104 -0.55 -1.77 10.62
C HIS A 104 0.43 -2.28 9.59
N ILE A 105 0.48 -3.61 9.49
CA ILE A 105 1.38 -4.36 8.64
C ILE A 105 0.62 -5.21 7.66
N ALA A 106 1.08 -5.22 6.42
CA ALA A 106 0.65 -6.24 5.46
C ALA A 106 1.84 -7.15 5.18
N GLU A 107 1.55 -8.40 4.82
CA GLU A 107 2.59 -9.33 4.41
C GLU A 107 2.39 -9.64 2.92
N THR A 108 3.48 -9.52 2.14
CA THR A 108 3.42 -9.68 0.69
C THR A 108 4.33 -10.83 0.23
N PRO A 109 4.13 -11.34 -0.99
CA PRO A 109 4.82 -12.59 -1.35
C PRO A 109 6.32 -12.43 -1.58
N MET A 110 7.10 -13.32 -0.97
CA MET A 110 8.56 -13.22 -1.04
C MET A 110 9.09 -13.35 -2.45
N ASP A 111 8.39 -14.10 -3.30
CA ASP A 111 8.91 -14.39 -4.63
C ASP A 111 8.58 -13.31 -5.64
N LEU A 112 7.89 -12.25 -5.20
CA LEU A 112 7.59 -11.15 -6.10
C LEU A 112 8.32 -9.92 -5.64
N TRP A 113 9.63 -10.04 -5.50
CA TRP A 113 10.43 -9.01 -4.84
C TRP A 113 11.84 -9.07 -5.39
N ARG A 114 12.39 -7.93 -5.81
CA ARG A 114 13.78 -7.87 -6.24
C ARG A 114 14.44 -6.64 -5.62
N THR A 115 15.71 -6.78 -5.29
CA THR A 115 16.52 -5.64 -4.85
C THR A 115 17.65 -5.42 -5.85
N GLN A 116 17.74 -4.21 -6.43
CA GLN A 116 18.77 -3.93 -7.44
C GLN A 116 18.66 -4.93 -8.60
N GLY A 117 17.43 -5.35 -8.89
CA GLY A 117 17.19 -6.32 -9.95
C GLY A 117 17.51 -7.78 -9.60
N LEU A 118 17.99 -8.01 -8.38
CA LEU A 118 18.45 -9.33 -7.95
C LEU A 118 17.43 -10.04 -7.08
N VAL A 119 17.40 -11.36 -7.20
CA VAL A 119 16.66 -12.19 -6.26
C VAL A 119 17.37 -12.22 -4.90
N PRO A 120 16.71 -11.77 -3.84
CA PRO A 120 17.41 -11.76 -2.55
C PRO A 120 17.69 -13.18 -2.08
N PRO A 121 18.79 -13.39 -1.34
CA PRO A 121 19.22 -14.72 -0.91
C PRO A 121 18.30 -15.35 0.13
N PRO A 122 18.41 -16.67 0.32
CA PRO A 122 17.52 -17.30 1.28
C PRO A 122 17.73 -16.79 2.70
N PRO A 123 16.67 -16.76 3.50
CA PRO A 123 16.78 -16.41 4.92
C PRO A 123 17.85 -17.23 5.63
N GLU A 124 18.73 -16.54 6.34
CA GLU A 124 19.77 -17.14 7.18
C GLU A 124 20.91 -17.77 6.37
N SER A 125 20.90 -17.55 5.05
CA SER A 125 21.93 -18.12 4.20
C SER A 125 23.27 -17.36 4.29
N ASP A 126 24.33 -18.01 3.82
CA ASP A 126 25.64 -17.39 3.74
C ASP A 126 25.61 -16.12 2.90
N MET A 127 24.87 -16.17 1.79
CA MET A 127 24.80 -15.02 0.92
C MET A 127 24.03 -13.91 1.62
N GLU A 128 23.02 -14.24 2.40
CA GLU A 128 22.30 -13.17 3.11
C GLU A 128 23.23 -12.52 4.13
N LYS A 129 23.94 -13.34 4.89
CA LYS A 129 24.92 -12.82 5.85
C LYS A 129 25.97 -11.98 5.13
N LEU A 130 26.36 -12.39 3.92
CA LEU A 130 27.33 -11.65 3.14
C LEU A 130 26.73 -10.33 2.70
N TRP A 131 25.48 -10.38 2.26
CA TRP A 131 24.78 -9.16 1.92
C TRP A 131 24.69 -8.20 3.12
N ALA A 132 24.44 -8.74 4.31
CA ALA A 132 24.36 -7.91 5.51
C ALA A 132 25.72 -7.28 5.84
N LYS A 133 26.77 -8.10 5.78
CA LYS A 133 28.11 -7.63 6.13
C LYS A 133 28.58 -6.53 5.20
N GLU A 134 28.35 -6.71 3.91
CA GLU A 134 28.79 -5.72 2.95
CA GLU A 134 28.76 -5.75 2.90
C GLU A 134 27.79 -4.59 2.80
N ASN A 135 26.58 -4.81 3.33
CA ASN A 135 25.47 -3.86 3.24
C ASN A 135 25.21 -3.39 1.81
N ARG A 136 25.29 -4.32 0.86
CA ARG A 136 24.94 -4.01 -0.52
CA ARG A 136 24.91 -4.01 -0.51
C ARG A 136 24.50 -5.29 -1.23
N PRO A 137 23.67 -5.14 -2.27
CA PRO A 137 23.22 -6.34 -2.98
C PRO A 137 24.26 -6.85 -3.97
N ILE A 138 24.84 -8.01 -3.65
CA ILE A 138 25.92 -8.63 -4.42
C ILE A 138 25.35 -9.62 -5.42
N PRO A 139 25.62 -9.43 -6.73
CA PRO A 139 25.19 -10.43 -7.71
C PRO A 139 25.78 -11.79 -7.38
N TYR A 140 24.95 -12.82 -7.45
CA TYR A 140 25.41 -14.14 -7.05
C TYR A 140 24.58 -15.18 -7.78
N ASP A 141 25.11 -16.40 -7.81
CA ASP A 141 24.40 -17.53 -8.41
C ASP A 141 23.30 -18.00 -7.49
N VAL A 142 22.05 -17.69 -7.83
CA VAL A 142 20.92 -18.00 -6.95
C VAL A 142 20.78 -19.48 -6.64
N ALA A 143 20.84 -20.34 -7.67
CA ALA A 143 20.70 -21.77 -7.47
C ALA A 143 21.84 -22.36 -6.64
N ALA A 144 23.06 -21.86 -6.87
CA ALA A 144 24.22 -22.33 -6.13
C ALA A 144 24.09 -21.98 -4.65
N SER A 145 23.60 -20.77 -4.39
CA SER A 145 23.38 -20.30 -3.02
C SER A 145 22.31 -21.14 -2.32
N LYS A 146 21.19 -21.34 -3.01
CA LYS A 146 20.09 -22.14 -2.48
C LYS A 146 20.52 -23.57 -2.21
N LEU A 147 21.31 -24.12 -3.11
CA LEU A 147 21.84 -25.47 -2.96
C LEU A 147 22.63 -25.60 -1.65
N ALA A 148 23.72 -24.85 -1.55
CA ALA A 148 24.60 -24.93 -0.40
C ALA A 148 23.90 -24.60 0.91
N ALA A 149 23.00 -23.61 0.88
CA ALA A 149 22.25 -23.22 2.07
C ALA A 149 21.40 -24.38 2.58
N ALA A 150 20.78 -25.10 1.66
CA ALA A 150 19.93 -26.24 2.01
C ALA A 150 20.76 -27.35 2.66
N LEU A 151 21.89 -27.69 2.04
CA LEU A 151 22.80 -28.70 2.58
C LEU A 151 23.28 -28.34 3.98
N PRO B 1 -3.44 -2.90 -13.09
CA PRO B 1 -2.29 -2.85 -12.18
C PRO B 1 -2.11 -1.46 -11.60
N TYR B 2 -1.63 -1.42 -10.38
CA TYR B 2 -1.47 -0.17 -9.66
C TYR B 2 -0.01 0.00 -9.26
N TRP B 3 0.71 0.91 -9.92
CA TRP B 3 2.13 1.11 -9.65
C TRP B 3 2.42 2.41 -8.93
N GLU B 4 3.28 2.34 -7.93
CA GLU B 4 3.82 3.51 -7.28
C GLU B 4 5.31 3.56 -7.51
N ILE B 5 5.82 4.68 -8.02
CA ILE B 5 7.24 4.84 -8.19
C ILE B 5 7.72 6.07 -7.41
N PHE B 6 8.46 5.81 -6.34
CA PHE B 6 8.98 6.84 -5.46
C PHE B 6 10.40 7.19 -5.89
N THR B 7 10.61 8.43 -6.32
CA THR B 7 11.90 8.86 -6.86
C THR B 7 12.51 10.07 -6.13
N PRO B 8 13.84 10.23 -6.22
CA PRO B 8 14.41 11.53 -5.85
C PRO B 8 13.67 12.62 -6.60
N GLU B 9 13.44 13.76 -5.95
CA GLU B 9 12.77 14.89 -6.59
C GLU B 9 13.38 15.18 -7.94
N ASN B 10 12.51 15.36 -8.94
CA ASN B 10 12.92 15.81 -10.28
C ASN B 10 13.78 14.81 -11.05
N ALA B 11 13.80 13.55 -10.62
CA ALA B 11 14.56 12.53 -11.33
C ALA B 11 14.08 12.36 -12.78
N PHE B 12 12.77 12.39 -12.96
CA PHE B 12 12.16 12.16 -14.27
C PHE B 12 11.46 13.39 -14.84
N THR B 13 11.68 13.62 -16.12
CA THR B 13 10.94 14.65 -16.87
C THR B 13 9.55 14.14 -17.20
N PRO B 14 8.63 15.05 -17.61
CA PRO B 14 7.33 14.55 -18.06
C PRO B 14 7.46 13.53 -19.21
N ASP B 15 8.37 13.78 -20.14
CA ASP B 15 8.62 12.84 -21.22
C ASP B 15 9.13 11.50 -20.68
N ASP B 16 10.03 11.52 -19.69
CA ASP B 16 10.48 10.29 -19.02
C ASP B 16 9.31 9.49 -18.45
N LYS B 17 8.38 10.19 -17.81
CA LYS B 17 7.28 9.49 -17.14
C LYS B 17 6.32 8.88 -18.16
N GLU B 18 6.12 9.58 -19.27
CA GLU B 18 5.33 9.05 -20.38
C GLU B 18 5.98 7.79 -20.95
N GLN B 19 7.27 7.87 -21.26
CA GLN B 19 8.01 6.74 -21.81
C GLN B 19 8.04 5.53 -20.87
N LEU B 20 8.33 5.76 -19.59
CA LEU B 20 8.39 4.66 -18.64
C LEU B 20 7.00 4.05 -18.35
N SER B 21 5.98 4.88 -18.21
CA SER B 21 4.62 4.36 -18.00
C SER B 21 4.12 3.61 -19.25
N GLU B 22 4.54 4.05 -20.42
CA GLU B 22 4.24 3.34 -21.65
C GLU B 22 4.90 1.95 -21.65
N ALA B 23 6.15 1.88 -21.21
CA ALA B 23 6.84 0.59 -21.15
C ALA B 23 6.19 -0.37 -20.18
N ILE B 24 5.80 0.16 -19.03
CA ILE B 24 5.11 -0.62 -18.00
C ILE B 24 3.76 -1.10 -18.52
N THR B 25 3.01 -0.20 -19.15
CA THR B 25 1.75 -0.56 -19.79
C THR B 25 1.94 -1.67 -20.82
N SER B 26 3.01 -1.58 -21.61
CA SER B 26 3.25 -2.61 -22.65
C SER B 26 3.39 -4.03 -22.08
N ILE B 27 3.92 -4.18 -20.86
CA ILE B 27 3.94 -5.48 -20.19
C ILE B 27 2.56 -6.16 -20.21
N TYR B 28 1.53 -5.42 -19.80
CA TYR B 28 0.23 -6.03 -19.62
C TYR B 28 -0.56 -6.15 -20.91
N VAL B 29 -0.34 -5.20 -21.82
CA VAL B 29 -0.89 -5.30 -23.17
C VAL B 29 -0.29 -6.49 -23.90
N ASP B 30 1.03 -6.60 -23.87
CA ASP B 30 1.72 -7.63 -24.64
C ASP B 30 1.50 -9.03 -24.10
N TYR B 31 1.48 -9.18 -22.78
CA TYR B 31 1.42 -10.52 -22.20
C TYR B 31 0.01 -11.01 -21.87
N VAL B 32 -0.96 -10.11 -21.74
CA VAL B 32 -2.28 -10.55 -21.34
C VAL B 32 -3.42 -9.68 -21.93
N ASN B 33 -3.10 -8.94 -23.00
CA ASN B 33 -4.01 -8.01 -23.67
C ASN B 33 -4.98 -7.33 -22.72
N LEU B 34 -4.43 -6.77 -21.66
CA LEU B 34 -5.19 -5.96 -20.74
C LEU B 34 -5.52 -4.63 -21.41
N PRO B 35 -6.70 -4.09 -21.13
CA PRO B 35 -7.00 -2.72 -21.54
C PRO B 35 -5.91 -1.79 -21.02
N ARG B 36 -5.42 -0.89 -21.88
CA ARG B 36 -4.29 -0.06 -21.49
C ARG B 36 -4.61 0.75 -20.25
N PHE B 37 -5.84 1.24 -20.15
CA PHE B 37 -6.18 2.15 -19.06
C PHE B 37 -6.26 1.47 -17.68
N TYR B 38 -6.26 0.12 -17.63
CA TYR B 38 -6.08 -0.60 -16.36
C TYR B 38 -4.75 -0.27 -15.69
N VAL B 39 -3.74 0.06 -16.50
CA VAL B 39 -2.39 0.28 -15.96
C VAL B 39 -2.20 1.72 -15.47
N VAL B 40 -2.14 1.85 -14.15
CA VAL B 40 -1.99 3.15 -13.51
C VAL B 40 -0.59 3.23 -12.88
N VAL B 41 0.12 4.30 -13.19
CA VAL B 41 1.45 4.53 -12.62
C VAL B 41 1.48 5.88 -11.92
N LEU B 42 1.73 5.87 -10.62
CA LEU B 42 1.77 7.10 -9.85
C LEU B 42 3.23 7.43 -9.52
N PHE B 43 3.70 8.57 -10.03
CA PHE B 43 5.05 9.04 -9.72
C PHE B 43 5.05 9.95 -8.50
N LYS B 44 5.89 9.62 -7.53
CA LYS B 44 5.90 10.35 -6.28
C LYS B 44 7.30 10.87 -6.03
N ASP B 45 7.49 12.18 -6.24
CA ASP B 45 8.76 12.83 -5.99
C ASP B 45 9.00 12.94 -4.49
N MET B 46 10.15 12.43 -4.04
CA MET B 46 10.51 12.51 -2.64
C MET B 46 11.62 13.52 -2.43
N PRO B 47 11.35 14.55 -1.60
CA PRO B 47 12.39 15.51 -1.25
C PRO B 47 13.60 14.86 -0.58
N LYS B 48 14.76 15.51 -0.66
CA LYS B 48 15.93 15.05 0.08
C LYS B 48 15.58 14.87 1.57
N GLU B 49 16.26 13.90 2.21
CA GLU B 49 16.06 13.56 3.61
C GLU B 49 14.62 13.11 3.90
N THR B 50 14.03 12.37 2.98
CA THR B 50 12.73 11.74 3.25
C THR B 50 12.73 10.22 3.00
N MET B 51 13.69 9.72 2.23
CA MET B 51 13.80 8.29 1.98
C MET B 51 15.00 7.77 2.73
N TYR B 52 14.77 6.94 3.76
CA TYR B 52 15.83 6.44 4.61
C TYR B 52 16.03 4.94 4.39
N VAL B 53 17.23 4.57 3.97
CA VAL B 53 17.56 3.20 3.64
C VAL B 53 18.63 2.74 4.62
N GLY B 54 18.35 1.68 5.39
CA GLY B 54 19.29 1.22 6.40
C GLY B 54 19.61 2.28 7.44
N GLY B 55 18.66 3.16 7.68
CA GLY B 55 18.81 4.16 8.74
C GLY B 55 19.56 5.40 8.30
N LYS B 56 19.82 5.53 7.01
CA LYS B 56 20.53 6.69 6.49
C LYS B 56 19.79 7.26 5.30
N ALA B 57 19.74 8.59 5.21
CA ALA B 57 19.06 9.25 4.10
C ALA B 57 19.71 8.84 2.78
N ASN B 58 18.91 8.32 1.86
CA ASN B 58 19.42 7.98 0.54
C ASN B 58 18.65 8.77 -0.49
N ASN B 59 19.34 9.69 -1.15
CA ASN B 59 18.70 10.54 -2.14
C ASN B 59 19.00 10.06 -3.57
N ASN B 60 19.42 8.80 -3.70
CA ASN B 60 19.67 8.19 -5.00
C ASN B 60 18.93 6.85 -5.10
N PHE B 61 17.77 6.80 -4.47
CA PHE B 61 17.07 5.53 -4.35
C PHE B 61 15.65 5.62 -4.91
N VAL B 62 15.31 4.67 -5.79
CA VAL B 62 13.97 4.58 -6.35
C VAL B 62 13.26 3.35 -5.78
N ARG B 63 12.13 3.56 -5.11
CA ARG B 63 11.35 2.46 -4.54
C ARG B 63 10.06 2.27 -5.33
N ILE B 64 9.84 1.03 -5.80
CA ILE B 64 8.66 0.71 -6.61
C ILE B 64 7.79 -0.32 -5.89
N ARG B 65 6.48 -0.08 -5.86
CA ARG B 65 5.55 -1.04 -5.27
C ARG B 65 4.33 -1.15 -6.15
N LEU B 66 3.80 -2.34 -6.37
CA LEU B 66 2.63 -2.44 -7.22
C LEU B 66 1.66 -3.47 -6.71
N ASP B 67 0.36 -3.20 -6.86
CA ASP B 67 -0.69 -4.21 -6.71
C ASP B 67 -1.10 -4.79 -8.05
N HIS B 68 -1.31 -6.10 -8.08
CA HIS B 68 -1.97 -6.74 -9.20
C HIS B 68 -3.38 -7.10 -8.76
N ILE B 69 -4.36 -6.66 -9.54
CA ILE B 69 -5.77 -6.80 -9.20
C ILE B 69 -6.53 -7.67 -10.18
N ALA B 70 -6.25 -7.48 -11.47
CA ALA B 70 -7.06 -8.11 -12.51
C ALA B 70 -6.72 -9.59 -12.67
N ARG B 71 -5.44 -9.93 -12.57
CA ARG B 71 -5.02 -11.31 -12.77
C ARG B 71 -4.24 -11.84 -11.57
N GLN B 72 -4.34 -13.15 -11.36
CA GLN B 72 -3.44 -13.84 -10.43
C GLN B 72 -2.34 -14.52 -11.23
N MET B 73 -1.16 -14.63 -10.64
CA MET B 73 -0.06 -15.36 -11.26
C MET B 73 0.12 -16.67 -10.51
N GLU B 74 -0.20 -17.78 -11.16
CA GLU B 74 -0.40 -19.04 -10.46
C GLU B 74 0.77 -20.03 -10.51
N THR B 75 1.84 -19.72 -11.22
CA THR B 75 3.00 -20.61 -11.27
C THR B 75 4.28 -19.86 -10.99
N ALA B 76 5.30 -20.57 -10.51
CA ALA B 76 6.60 -19.98 -10.25
C ALA B 76 7.17 -19.35 -11.51
N GLU B 77 7.00 -20.03 -12.64
CA GLU B 77 7.55 -19.59 -13.91
C GLU B 77 6.97 -18.24 -14.33
N VAL B 78 5.65 -18.13 -14.28
CA VAL B 78 4.97 -16.89 -14.65
C VAL B 78 5.33 -15.75 -13.72
N ARG B 79 5.38 -16.05 -12.42
CA ARG B 79 5.76 -15.06 -11.41
C ARG B 79 7.19 -14.57 -11.60
N ALA B 80 8.12 -15.48 -11.87
CA ALA B 80 9.50 -15.08 -12.14
C ALA B 80 9.61 -14.24 -13.42
N LEU B 81 8.83 -14.59 -14.44
CA LEU B 81 8.84 -13.87 -15.70
C LEU B 81 8.32 -12.43 -15.53
N MET B 82 7.29 -12.27 -14.70
CA MET B 82 6.78 -10.94 -14.38
C MET B 82 7.87 -10.03 -13.80
N MET B 83 8.60 -10.55 -12.81
CA MET B 83 9.72 -9.82 -12.22
C MET B 83 10.80 -9.54 -13.27
N THR B 84 11.07 -10.53 -14.11
CA THR B 84 12.12 -10.37 -15.11
C THR B 84 11.75 -9.28 -16.10
N VAL B 85 10.51 -9.30 -16.58
CA VAL B 85 10.08 -8.30 -17.55
C VAL B 85 9.97 -6.90 -16.93
N ALA B 86 9.50 -6.82 -15.69
CA ALA B 86 9.44 -5.55 -14.98
C ALA B 86 10.82 -4.89 -14.91
N GLU B 87 11.83 -5.67 -14.55
CA GLU B 87 13.18 -5.11 -14.41
C GLU B 87 13.71 -4.68 -15.78
N GLU B 88 13.34 -5.44 -16.80
CA GLU B 88 13.74 -5.12 -18.17
C GLU B 88 13.21 -3.75 -18.61
N LYS B 89 11.97 -3.43 -18.27
CA LYS B 89 11.37 -2.13 -18.62
C LYS B 89 11.94 -0.97 -17.79
N LEU B 90 12.26 -1.26 -16.54
CA LEU B 90 12.76 -0.24 -15.63
C LEU B 90 14.21 0.16 -15.89
N ALA B 91 15.01 -0.79 -16.35
CA ALA B 91 16.47 -0.60 -16.43
C ALA B 91 16.94 0.66 -17.17
N PRO B 92 16.33 1.00 -18.32
CA PRO B 92 16.83 2.21 -19.00
C PRO B 92 16.67 3.51 -18.22
N PHE B 93 15.68 3.56 -17.33
CA PHE B 93 15.38 4.78 -16.57
C PHE B 93 15.97 4.80 -15.16
N ILE B 94 16.26 3.62 -14.63
CA ILE B 94 16.65 3.49 -13.23
C ILE B 94 18.05 2.88 -13.10
N LYS B 95 18.19 1.58 -13.31
CA LYS B 95 19.52 0.95 -13.24
C LYS B 95 20.56 1.71 -14.07
N GLU B 96 20.22 2.01 -15.33
CA GLU B 96 21.20 2.56 -16.26
C GLU B 96 21.46 4.06 -16.08
N ARG B 97 20.74 4.69 -15.14
CA ARG B 97 21.02 6.07 -14.77
C ARG B 97 21.71 6.12 -13.41
N GLY B 98 22.08 4.95 -12.89
CA GLY B 98 22.91 4.88 -11.70
C GLY B 98 22.17 4.91 -10.37
N TYR B 99 20.85 4.76 -10.42
CA TYR B 99 20.05 4.72 -9.20
C TYR B 99 20.13 3.37 -8.50
N ASP B 100 19.88 3.40 -7.19
CA ASP B 100 19.65 2.16 -6.43
C ASP B 100 18.14 1.96 -6.40
N TRP B 101 17.69 0.72 -6.34
CA TRP B 101 16.24 0.50 -6.40
C TRP B 101 15.81 -0.85 -5.84
N GLU B 102 14.51 -0.93 -5.56
CA GLU B 102 13.87 -2.11 -5.00
C GLU B 102 12.42 -2.11 -5.47
N ILE B 103 11.89 -3.29 -5.73
CA ILE B 103 10.52 -3.46 -6.23
C ILE B 103 9.87 -4.63 -5.54
N HIS B 104 8.59 -4.50 -5.24
CA HIS B 104 7.80 -5.66 -4.84
C HIS B 104 6.34 -5.55 -5.26
N ILE B 105 5.70 -6.71 -5.35
CA ILE B 105 4.31 -6.83 -5.81
C ILE B 105 3.42 -7.50 -4.76
N ALA B 106 2.19 -7.02 -4.67
CA ALA B 106 1.17 -7.68 -3.88
C ALA B 106 0.00 -8.02 -4.80
N GLU B 107 -0.74 -9.06 -4.48
CA GLU B 107 -1.94 -9.44 -5.22
C GLU B 107 -3.12 -9.15 -4.30
N THR B 108 -4.10 -8.41 -4.82
CA THR B 108 -5.27 -8.00 -4.05
C THR B 108 -6.52 -8.55 -4.74
N PRO B 109 -7.64 -8.66 -3.99
CA PRO B 109 -8.84 -9.36 -4.51
C PRO B 109 -9.49 -8.72 -5.73
N MET B 110 -9.62 -9.51 -6.81
CA MET B 110 -10.19 -9.00 -8.06
C MET B 110 -11.60 -8.45 -7.90
N ASP B 111 -12.36 -8.97 -6.94
CA ASP B 111 -13.76 -8.58 -6.80
C ASP B 111 -13.95 -7.35 -5.92
N LEU B 112 -12.85 -6.78 -5.44
CA LEU B 112 -12.95 -5.58 -4.61
C LEU B 112 -12.36 -4.39 -5.36
N TRP B 113 -12.85 -4.18 -6.58
CA TRP B 113 -12.20 -3.32 -7.55
C TRP B 113 -13.24 -2.78 -8.51
N ARG B 114 -13.29 -1.47 -8.68
CA ARG B 114 -14.20 -0.88 -9.65
C ARG B 114 -13.42 0.16 -10.43
N THR B 115 -13.73 0.32 -11.70
CA THR B 115 -13.15 1.43 -12.45
C THR B 115 -14.28 2.23 -13.11
N GLN B 116 -14.23 3.55 -12.95
CA GLN B 116 -15.35 4.44 -13.32
C GLN B 116 -16.69 3.95 -12.75
N GLY B 117 -16.64 3.37 -11.56
CA GLY B 117 -17.81 2.83 -10.88
C GLY B 117 -18.32 1.51 -11.43
N LEU B 118 -17.63 0.95 -12.42
CA LEU B 118 -18.09 -0.27 -13.10
C LEU B 118 -17.34 -1.51 -12.63
N VAL B 119 -18.04 -2.64 -12.64
CA VAL B 119 -17.40 -3.93 -12.44
C VAL B 119 -16.60 -4.28 -13.68
N PRO B 120 -15.26 -4.43 -13.52
CA PRO B 120 -14.51 -4.87 -14.70
C PRO B 120 -14.94 -6.25 -15.19
N PRO B 121 -14.91 -6.46 -16.51
CA PRO B 121 -15.43 -7.74 -17.06
C PRO B 121 -14.50 -8.91 -16.78
N PRO B 122 -14.99 -10.15 -16.98
CA PRO B 122 -14.14 -11.30 -16.70
C PRO B 122 -12.90 -11.33 -17.59
N PRO B 123 -11.79 -11.89 -17.07
CA PRO B 123 -10.57 -12.09 -17.85
C PRO B 123 -10.84 -12.87 -19.13
N GLU B 124 -10.31 -12.37 -20.25
CA GLU B 124 -10.40 -13.00 -21.56
C GLU B 124 -11.82 -13.08 -22.12
N SER B 125 -12.73 -12.29 -21.54
CA SER B 125 -14.10 -12.20 -22.06
C SER B 125 -14.20 -11.24 -23.23
N ASP B 126 -15.29 -11.35 -23.99
CA ASP B 126 -15.55 -10.44 -25.09
C ASP B 126 -15.62 -9.00 -24.60
N MET B 127 -16.27 -8.77 -23.46
CA MET B 127 -16.34 -7.41 -22.94
C MET B 127 -14.97 -6.87 -22.56
N GLU B 128 -14.10 -7.72 -22.00
CA GLU B 128 -12.77 -7.24 -21.67
C GLU B 128 -12.03 -6.83 -22.93
N LYS B 129 -12.16 -7.65 -23.98
CA LYS B 129 -11.56 -7.30 -25.26
C LYS B 129 -12.13 -6.02 -25.86
N LEU B 130 -13.42 -5.77 -25.63
CA LEU B 130 -14.08 -4.56 -26.09
C LEU B 130 -13.56 -3.32 -25.35
N TRP B 131 -13.47 -3.45 -24.04
CA TRP B 131 -12.85 -2.42 -23.22
C TRP B 131 -11.43 -2.10 -23.69
N ALA B 132 -10.68 -3.13 -24.07
CA ALA B 132 -9.30 -2.92 -24.54
C ALA B 132 -9.28 -2.18 -25.89
N LYS B 133 -10.12 -2.62 -26.82
CA LYS B 133 -10.19 -2.03 -28.15
C LYS B 133 -10.61 -0.55 -28.09
N GLU B 134 -11.60 -0.26 -27.26
CA GLU B 134 -12.10 1.10 -27.10
C GLU B 134 -11.19 1.94 -26.21
N ASN B 135 -10.43 1.23 -25.37
CA ASN B 135 -9.59 1.82 -24.33
C ASN B 135 -10.36 2.73 -23.39
N ARG B 136 -11.55 2.30 -23.00
CA ARG B 136 -12.34 3.02 -21.99
C ARG B 136 -13.27 2.03 -21.32
N PRO B 137 -13.63 2.29 -20.07
CA PRO B 137 -14.59 1.37 -19.45
C PRO B 137 -16.01 1.62 -19.94
N ILE B 138 -16.55 0.67 -20.69
CA ILE B 138 -17.88 0.78 -21.28
C ILE B 138 -18.94 0.15 -20.39
N PRO B 139 -19.96 0.93 -19.99
CA PRO B 139 -21.07 0.36 -19.23
C PRO B 139 -21.68 -0.84 -19.93
N TYR B 140 -21.95 -1.91 -19.18
CA TYR B 140 -22.42 -3.15 -19.77
C TYR B 140 -23.22 -3.96 -18.75
N ASP B 141 -23.96 -4.93 -19.27
CA ASP B 141 -24.73 -5.85 -18.44
C ASP B 141 -23.79 -6.88 -17.86
N VAL B 142 -23.45 -6.72 -16.58
CA VAL B 142 -22.48 -7.57 -15.93
C VAL B 142 -22.91 -9.04 -15.95
N ALA B 143 -24.17 -9.29 -15.60
CA ALA B 143 -24.69 -10.64 -15.55
C ALA B 143 -24.70 -11.31 -16.92
N ALA B 144 -25.12 -10.55 -17.94
CA ALA B 144 -25.18 -11.07 -19.29
C ALA B 144 -23.79 -11.42 -19.83
N SER B 145 -22.83 -10.54 -19.56
CA SER B 145 -21.46 -10.75 -20.01
C SER B 145 -20.79 -11.88 -19.25
N LYS B 146 -21.04 -11.96 -17.94
CA LYS B 146 -20.51 -13.07 -17.13
C LYS B 146 -21.09 -14.40 -17.60
N LEU B 147 -22.39 -14.42 -17.85
CA LEU B 147 -23.07 -15.63 -18.30
C LEU B 147 -22.49 -16.16 -19.61
N ALA B 148 -22.33 -15.29 -20.59
CA ALA B 148 -21.81 -15.69 -21.89
C ALA B 148 -20.33 -16.07 -21.79
N ALA B 149 -19.60 -15.37 -20.93
CA ALA B 149 -18.18 -15.66 -20.74
C ALA B 149 -17.97 -17.04 -20.12
N ALA B 150 -18.90 -17.44 -19.26
CA ALA B 150 -18.81 -18.73 -18.57
C ALA B 150 -19.05 -19.89 -19.55
N LEU B 151 -19.72 -19.60 -20.66
CA LEU B 151 -20.04 -20.62 -21.64
C LEU B 151 -19.06 -20.60 -22.82
N GLU B 152 -17.95 -19.88 -22.66
CA GLU B 152 -16.97 -19.76 -23.72
C GLU B 152 -16.27 -21.09 -24.02
N PRO C 1 -10.38 0.99 8.85
CA PRO C 1 -10.16 1.16 7.41
C PRO C 1 -9.16 2.29 7.16
N TYR C 2 -8.34 2.09 6.15
CA TYR C 2 -7.29 3.01 5.80
C TYR C 2 -7.48 3.40 4.36
N TRP C 3 -7.98 4.61 4.12
CA TRP C 3 -8.22 5.09 2.75
C TRP C 3 -7.15 6.06 2.27
N GLU C 4 -6.69 5.86 1.04
CA GLU C 4 -5.89 6.85 0.32
C GLU C 4 -6.67 7.41 -0.87
N ILE C 5 -6.75 8.73 -0.97
CA ILE C 5 -7.43 9.34 -2.10
C ILE C 5 -6.47 10.29 -2.78
N PHE C 6 -5.96 9.86 -3.94
CA PHE C 6 -5.02 10.63 -4.77
C PHE C 6 -5.81 11.50 -5.75
N THR C 7 -5.58 12.81 -5.72
CA THR C 7 -6.40 13.75 -6.49
C THR C 7 -5.56 14.75 -7.22
N PRO C 8 -6.12 15.36 -8.27
CA PRO C 8 -5.43 16.54 -8.82
C PRO C 8 -5.27 17.62 -7.76
N GLU C 9 -4.24 18.45 -7.87
CA GLU C 9 -4.01 19.50 -6.88
C GLU C 9 -5.24 20.39 -6.75
N ASN C 10 -5.57 20.72 -5.50
CA ASN C 10 -6.67 21.64 -5.19
C ASN C 10 -8.05 21.15 -5.63
N ALA C 11 -8.21 19.86 -5.87
CA ALA C 11 -9.51 19.31 -6.23
C ALA C 11 -10.52 19.56 -5.13
N PHE C 12 -10.11 19.35 -3.89
CA PHE C 12 -11.04 19.42 -2.78
C PHE C 12 -10.66 20.47 -1.74
N THR C 13 -11.67 21.19 -1.27
CA THR C 13 -11.52 22.12 -0.16
C THR C 13 -11.56 21.35 1.15
N PRO C 14 -11.13 21.97 2.26
CA PRO C 14 -11.25 21.28 3.55
C PRO C 14 -12.70 20.87 3.86
N ASP C 15 -13.68 21.69 3.50
CA ASP C 15 -15.08 21.31 3.71
C ASP C 15 -15.48 20.11 2.84
N ASP C 16 -15.00 20.06 1.59
CA ASP C 16 -15.17 18.88 0.74
C ASP C 16 -14.64 17.63 1.41
N LYS C 17 -13.42 17.73 1.91
CA LYS C 17 -12.75 16.61 2.56
C LYS C 17 -13.49 16.17 3.83
N GLU C 18 -13.99 17.13 4.60
CA GLU C 18 -14.77 16.78 5.77
C GLU C 18 -16.02 15.98 5.39
N GLN C 19 -16.78 16.53 4.45
CA GLN C 19 -18.01 15.90 3.96
C GLN C 19 -17.76 14.51 3.37
N LEU C 20 -16.74 14.40 2.52
CA LEU C 20 -16.45 13.13 1.89
C LEU C 20 -15.94 12.11 2.92
N SER C 21 -15.06 12.53 3.83
CA SER C 21 -14.57 11.58 4.83
C SER C 21 -15.66 11.20 5.83
N GLU C 22 -16.61 12.12 6.04
CA GLU C 22 -17.78 11.83 6.86
C GLU C 22 -18.66 10.79 6.17
N ALA C 23 -18.85 10.94 4.86
CA ALA C 23 -19.61 9.94 4.09
C ALA C 23 -18.95 8.56 4.14
N ILE C 24 -17.64 8.53 3.99
CA ILE C 24 -16.87 7.29 4.05
C ILE C 24 -17.00 6.69 5.46
N THR C 25 -16.81 7.51 6.48
CA THR C 25 -16.94 7.02 7.85
C THR C 25 -18.32 6.42 8.11
N SER C 26 -19.36 7.02 7.53
CA SER C 26 -20.75 6.57 7.77
C SER C 26 -20.97 5.14 7.27
N ILE C 27 -20.25 4.74 6.24
CA ILE C 27 -20.31 3.35 5.76
C ILE C 27 -20.05 2.37 6.89
N TYR C 28 -18.97 2.62 7.60
CA TYR C 28 -18.51 1.68 8.61
C TYR C 28 -19.35 1.82 9.88
N VAL C 29 -19.77 3.04 10.20
CA VAL C 29 -20.63 3.20 11.36
C VAL C 29 -21.98 2.52 11.13
N ASP C 30 -22.58 2.78 9.98
CA ASP C 30 -23.94 2.30 9.70
C ASP C 30 -24.00 0.79 9.48
N TYR C 31 -23.01 0.25 8.77
CA TYR C 31 -23.08 -1.15 8.37
C TYR C 31 -22.32 -2.10 9.31
N VAL C 32 -21.35 -1.59 10.03
CA VAL C 32 -20.53 -2.45 10.84
C VAL C 32 -20.44 -2.03 12.30
N ASN C 33 -20.98 -0.90 12.65
CA ASN C 33 -20.91 -0.33 14.00
C ASN C 33 -19.47 -0.10 14.47
N LEU C 34 -18.55 0.16 13.54
CA LEU C 34 -17.16 0.44 13.89
C LEU C 34 -17.04 1.78 14.59
N PRO C 35 -16.08 1.89 15.52
CA PRO C 35 -15.70 3.20 16.07
C PRO C 35 -15.32 4.14 14.94
N ARG C 36 -15.81 5.37 15.02
CA ARG C 36 -15.56 6.35 13.97
CA ARG C 36 -15.57 6.36 13.97
C ARG C 36 -14.08 6.53 13.73
N PHE C 37 -13.29 6.59 14.81
CA PHE C 37 -11.88 6.92 14.68
C PHE C 37 -11.05 5.84 13.99
N TYR C 38 -11.61 4.64 13.83
CA TYR C 38 -10.92 3.64 13.00
C TYR C 38 -10.81 4.09 11.56
N VAL C 39 -11.72 4.95 11.12
CA VAL C 39 -11.78 5.30 9.70
C VAL C 39 -10.84 6.46 9.42
N VAL C 40 -9.74 6.16 8.73
CA VAL C 40 -8.69 7.12 8.42
C VAL C 40 -8.72 7.36 6.91
N VAL C 41 -8.90 8.61 6.48
CA VAL C 41 -8.82 8.98 5.06
C VAL C 41 -7.67 9.98 4.82
N LEU C 42 -6.73 9.59 3.96
CA LEU C 42 -5.58 10.44 3.65
C LEU C 42 -5.75 11.01 2.24
N PHE C 43 -5.85 12.34 2.13
CA PHE C 43 -5.97 13.02 0.85
C PHE C 43 -4.58 13.42 0.36
N LYS C 44 -4.26 12.99 -0.85
CA LYS C 44 -2.93 13.24 -1.38
C LYS C 44 -3.01 13.99 -2.71
N ASP C 45 -2.65 15.26 -2.68
CA ASP C 45 -2.63 16.05 -3.90
C ASP C 45 -1.52 15.58 -4.81
N MET C 46 -1.84 15.41 -6.09
CA MET C 46 -0.87 14.96 -7.08
C MET C 46 -0.74 16.00 -8.18
N PRO C 47 0.48 16.56 -8.35
CA PRO C 47 0.66 17.56 -9.41
C PRO C 47 0.42 17.04 -10.82
N LYS C 48 0.24 17.95 -11.78
CA LYS C 48 0.09 17.55 -13.16
C LYS C 48 1.31 16.74 -13.58
N GLU C 49 1.09 15.82 -14.52
CA GLU C 49 2.13 14.94 -15.03
C GLU C 49 2.72 14.04 -13.94
N THR C 50 1.89 13.55 -13.02
CA THR C 50 2.35 12.51 -12.07
C THR C 50 1.47 11.25 -12.03
N MET C 51 0.24 11.32 -12.52
CA MET C 51 -0.64 10.15 -12.60
C MET C 51 -0.77 9.72 -14.05
N TYR C 52 -0.24 8.56 -14.35
CA TYR C 52 -0.26 8.07 -15.73
C TYR C 52 -1.18 6.87 -15.90
N VAL C 53 -2.15 7.03 -16.80
CA VAL C 53 -3.13 6.00 -17.07
C VAL C 53 -2.94 5.47 -18.49
N GLY C 54 -2.64 4.17 -18.62
CA GLY C 54 -2.38 3.64 -19.96
C GLY C 54 -1.24 4.32 -20.69
N GLY C 55 -0.23 4.79 -19.94
CA GLY C 55 0.95 5.42 -20.53
C GLY C 55 0.81 6.88 -20.91
N LYS C 56 -0.30 7.50 -20.50
CA LYS C 56 -0.52 8.93 -20.75
C LYS C 56 -0.95 9.61 -19.45
N ALA C 57 -0.47 10.81 -19.22
CA ALA C 57 -0.86 11.56 -18.02
C ALA C 57 -2.37 11.79 -18.04
N ASN C 58 -3.00 11.55 -16.90
CA ASN C 58 -4.38 11.97 -16.70
C ASN C 58 -4.43 12.92 -15.51
N ASN C 59 -4.61 14.19 -15.82
CA ASN C 59 -4.59 15.23 -14.81
C ASN C 59 -5.98 15.50 -14.26
N ASN C 60 -6.92 14.63 -14.65
CA ASN C 60 -8.31 14.70 -14.22
C ASN C 60 -8.75 13.37 -13.61
N PHE C 61 -7.89 12.77 -12.81
CA PHE C 61 -8.07 11.37 -12.39
C PHE C 61 -7.90 11.24 -10.88
N VAL C 62 -8.89 10.61 -10.23
CA VAL C 62 -8.84 10.36 -8.80
C VAL C 62 -8.65 8.86 -8.56
N ARG C 63 -7.58 8.48 -7.87
CA ARG C 63 -7.31 7.07 -7.60
C ARG C 63 -7.48 6.79 -6.11
N ILE C 64 -8.29 5.79 -5.78
CA ILE C 64 -8.57 5.46 -4.39
C ILE C 64 -8.09 4.05 -4.09
N ARG C 65 -7.42 3.89 -2.97
CA ARG C 65 -7.00 2.58 -2.50
C ARG C 65 -7.30 2.46 -1.03
N LEU C 66 -7.80 1.33 -0.56
CA LEU C 66 -7.98 1.19 0.89
C LEU C 66 -7.51 -0.17 1.41
N ASP C 67 -7.03 -0.18 2.65
CA ASP C 67 -6.84 -1.42 3.40
C ASP C 67 -7.99 -1.63 4.37
N HIS C 68 -8.48 -2.86 4.44
CA HIS C 68 -9.46 -3.22 5.46
C HIS C 68 -8.77 -4.10 6.48
N ILE C 69 -8.81 -3.67 7.74
CA ILE C 69 -8.05 -4.32 8.82
C ILE C 69 -8.95 -4.93 9.89
N ALA C 70 -9.98 -4.18 10.27
CA ALA C 70 -10.84 -4.49 11.42
C ALA C 70 -11.92 -5.52 11.10
N ARG C 71 -12.15 -5.77 9.82
CA ARG C 71 -13.14 -6.75 9.37
C ARG C 71 -12.67 -7.48 8.12
N GLN C 72 -13.11 -8.73 8.00
CA GLN C 72 -12.94 -9.48 6.78
C GLN C 72 -14.31 -9.66 6.15
N MET C 73 -14.39 -9.47 4.84
CA MET C 73 -15.65 -9.64 4.14
C MET C 73 -15.69 -11.02 3.50
N GLU C 74 -16.55 -11.89 4.01
CA GLU C 74 -16.43 -13.31 3.72
C GLU C 74 -17.33 -13.86 2.61
N THR C 75 -18.36 -13.11 2.20
CA THR C 75 -19.27 -13.54 1.14
C THR C 75 -19.26 -12.60 -0.06
N ALA C 76 -19.56 -13.12 -1.23
CA ALA C 76 -19.61 -12.33 -2.45
C ALA C 76 -20.58 -11.18 -2.32
N GLU C 77 -21.70 -11.43 -1.65
CA GLU C 77 -22.76 -10.44 -1.48
C GLU C 77 -22.33 -9.25 -0.61
N VAL C 78 -21.63 -9.53 0.49
CA VAL C 78 -21.14 -8.46 1.35
C VAL C 78 -20.05 -7.65 0.64
N ARG C 79 -19.18 -8.35 -0.08
CA ARG C 79 -18.11 -7.70 -0.80
C ARG C 79 -18.64 -6.82 -1.91
N ALA C 80 -19.65 -7.29 -2.64
CA ALA C 80 -20.27 -6.46 -3.66
C ALA C 80 -20.97 -5.27 -3.01
N LEU C 81 -21.57 -5.49 -1.84
CA LEU C 81 -22.27 -4.40 -1.17
C LEU C 81 -21.29 -3.31 -0.77
N MET C 82 -20.14 -3.70 -0.23
CA MET C 82 -19.09 -2.75 0.13
C MET C 82 -18.74 -1.86 -1.05
N MET C 83 -18.49 -2.45 -2.22
CA MET C 83 -18.14 -1.65 -3.39
C MET C 83 -19.28 -0.74 -3.82
N THR C 84 -20.51 -1.26 -3.79
CA THR C 84 -21.66 -0.47 -4.21
C THR C 84 -21.82 0.76 -3.32
N VAL C 85 -21.78 0.55 -2.01
CA VAL C 85 -21.96 1.67 -1.08
C VAL C 85 -20.80 2.65 -1.15
N ALA C 86 -19.56 2.16 -1.27
CA ALA C 86 -18.41 3.04 -1.49
C ALA C 86 -18.65 3.98 -2.69
N GLU C 87 -19.10 3.43 -3.80
CA GLU C 87 -19.32 4.24 -4.99
C GLU C 87 -20.44 5.26 -4.78
N GLU C 88 -21.49 4.85 -4.06
CA GLU C 88 -22.57 5.76 -3.72
C GLU C 88 -22.09 6.97 -2.92
N LYS C 89 -21.14 6.77 -2.00
CA LYS C 89 -20.64 7.86 -1.16
C LYS C 89 -19.70 8.77 -1.96
N LEU C 90 -18.94 8.17 -2.88
CA LEU C 90 -17.97 8.91 -3.68
C LEU C 90 -18.61 9.76 -4.79
N ALA C 91 -19.72 9.28 -5.34
CA ALA C 91 -20.29 9.88 -6.56
C ALA C 91 -20.50 11.40 -6.52
N PRO C 92 -21.02 11.94 -5.40
CA PRO C 92 -21.27 13.38 -5.45
C PRO C 92 -20.01 14.23 -5.56
N PHE C 93 -18.87 13.67 -5.14
CA PHE C 93 -17.64 14.44 -5.09
C PHE C 93 -16.70 14.18 -6.25
N ILE C 94 -16.87 13.06 -6.93
CA ILE C 94 -15.88 12.60 -7.91
C ILE C 94 -16.58 12.38 -9.25
N LYS C 95 -17.38 11.33 -9.37
CA LYS C 95 -18.13 11.11 -10.61
C LYS C 95 -18.88 12.35 -11.05
N GLU C 96 -19.64 12.95 -10.15
CA GLU C 96 -20.54 14.03 -10.56
C GLU C 96 -19.80 15.36 -10.74
N ARG C 97 -18.52 15.38 -10.40
CA ARG C 97 -17.69 16.55 -10.68
C ARG C 97 -16.83 16.34 -11.93
N GLY C 98 -17.09 15.26 -12.66
CA GLY C 98 -16.46 15.03 -13.96
C GLY C 98 -15.09 14.39 -13.97
N TYR C 99 -14.64 13.89 -12.83
CA TYR C 99 -13.39 13.16 -12.74
C TYR C 99 -13.50 11.77 -13.32
N ASP C 100 -12.38 11.23 -13.78
CA ASP C 100 -12.23 9.79 -14.00
C ASP C 100 -11.76 9.22 -12.68
N TRP C 101 -12.13 7.99 -12.35
CA TRP C 101 -11.72 7.44 -11.06
C TRP C 101 -11.67 5.92 -11.05
N GLU C 102 -10.92 5.39 -10.09
CA GLU C 102 -10.78 3.96 -9.92
C GLU C 102 -10.50 3.67 -8.46
N ILE C 103 -10.98 2.53 -7.97
CA ILE C 103 -10.88 2.16 -6.56
C ILE C 103 -10.61 0.67 -6.39
N HIS C 104 -9.75 0.32 -5.44
CA HIS C 104 -9.63 -1.07 -5.02
C HIS C 104 -9.31 -1.21 -3.54
N ILE C 105 -9.62 -2.40 -3.02
CA ILE C 105 -9.44 -2.76 -1.62
C ILE C 105 -8.50 -3.94 -1.45
N ALA C 106 -7.64 -3.85 -0.44
CA ALA C 106 -6.87 -4.99 0.04
C ALA C 106 -7.32 -5.27 1.47
N GLU C 107 -7.20 -6.54 1.87
CA GLU C 107 -7.43 -6.95 3.26
C GLU C 107 -6.10 -7.35 3.90
N THR C 108 -5.85 -6.81 5.08
CA THR C 108 -4.60 -7.03 5.78
C THR C 108 -4.87 -7.67 7.14
N PRO C 109 -3.85 -8.35 7.72
CA PRO C 109 -4.07 -9.17 8.92
C PRO C 109 -4.49 -8.40 10.18
N MET C 110 -5.57 -8.84 10.80
CA MET C 110 -6.14 -8.10 11.92
C MET C 110 -5.20 -8.05 13.14
N ASP C 111 -4.36 -9.06 13.31
CA ASP C 111 -3.50 -9.11 14.48
C ASP C 111 -2.21 -8.26 14.35
N LEU C 112 -1.94 -7.69 13.18
CA LEU C 112 -0.75 -6.85 13.00
C LEU C 112 -1.13 -5.36 12.92
N TRP C 113 -1.87 -4.91 13.93
CA TRP C 113 -2.50 -3.61 13.89
C TRP C 113 -2.62 -3.10 15.32
N ARG C 114 -2.21 -1.87 15.57
CA ARG C 114 -2.38 -1.24 16.87
C ARG C 114 -2.88 0.17 16.65
N THR C 115 -3.70 0.66 17.55
CA THR C 115 -4.03 2.08 17.52
C THR C 115 -3.77 2.69 18.87
N GLN C 116 -3.02 3.80 18.89
CA GLN C 116 -2.53 4.42 20.13
C GLN C 116 -1.76 3.40 20.98
N GLY C 117 -1.13 2.45 20.30
CA GLY C 117 -0.29 1.47 20.93
C GLY C 117 -1.07 0.31 21.53
N LEU C 118 -2.39 0.34 21.38
CA LEU C 118 -3.28 -0.65 21.97
C LEU C 118 -3.75 -1.72 20.98
N VAL C 119 -3.96 -2.94 21.49
CA VAL C 119 -4.60 -4.01 20.73
C VAL C 119 -6.09 -3.72 20.60
N PRO C 120 -6.59 -3.56 19.37
CA PRO C 120 -8.02 -3.27 19.26
C PRO C 120 -8.86 -4.50 19.66
N PRO C 121 -10.04 -4.26 20.23
CA PRO C 121 -10.88 -5.37 20.69
C PRO C 121 -11.45 -6.19 19.51
N PRO C 122 -11.96 -7.40 19.79
CA PRO C 122 -12.46 -8.24 18.68
C PRO C 122 -13.70 -7.65 18.03
N PRO C 123 -13.95 -7.98 16.75
CA PRO C 123 -15.16 -7.50 16.07
C PRO C 123 -16.43 -7.90 16.82
N GLU C 124 -17.35 -6.95 16.91
CA GLU C 124 -18.67 -7.11 17.54
C GLU C 124 -18.61 -7.27 19.06
N SER C 125 -17.42 -7.20 19.64
CA SER C 125 -17.26 -7.38 21.08
C SER C 125 -17.81 -6.19 21.87
N ASP C 126 -18.06 -6.43 23.16
CA ASP C 126 -18.46 -5.35 24.04
C ASP C 126 -17.41 -4.23 24.15
N MET C 127 -16.13 -4.57 24.16
CA MET C 127 -15.10 -3.55 24.27
C MET C 127 -15.08 -2.71 23.00
N GLU C 128 -15.35 -3.32 21.85
CA GLU C 128 -15.44 -2.53 20.62
C GLU C 128 -16.62 -1.57 20.70
N LYS C 129 -17.74 -2.04 21.23
CA LYS C 129 -18.90 -1.18 21.38
C LYS C 129 -18.59 0.01 22.30
N LEU C 130 -17.76 -0.23 23.32
CA LEU C 130 -17.37 0.82 24.25
C LEU C 130 -16.44 1.84 23.60
N TRP C 131 -15.47 1.32 22.86
CA TRP C 131 -14.59 2.16 22.05
C TRP C 131 -15.39 3.01 21.07
N ALA C 132 -16.42 2.41 20.46
CA ALA C 132 -17.29 3.15 19.53
C ALA C 132 -18.06 4.26 20.23
N LYS C 133 -18.57 3.96 21.42
CA LYS C 133 -19.38 4.91 22.16
C LYS C 133 -18.52 6.09 22.64
N GLU C 134 -17.35 5.79 23.15
CA GLU C 134 -16.44 6.82 23.62
C GLU C 134 -15.74 7.54 22.48
N ASN C 135 -15.72 6.89 21.31
CA ASN C 135 -14.94 7.31 20.14
C ASN C 135 -13.46 7.60 20.45
N ARG C 136 -12.87 6.75 21.25
CA ARG C 136 -11.43 6.77 21.47
C ARG C 136 -10.95 5.40 21.93
N PRO C 137 -9.66 5.12 21.74
CA PRO C 137 -9.13 3.81 22.15
C PRO C 137 -8.85 3.74 23.63
N ILE C 138 -9.71 2.99 24.32
CA ILE C 138 -9.73 2.89 25.79
C ILE C 138 -8.85 1.73 26.24
N PRO C 139 -7.84 1.99 27.08
CA PRO C 139 -7.07 0.83 27.58
C PRO C 139 -7.94 -0.16 28.35
N TYR C 140 -7.67 -1.45 28.14
CA TYR C 140 -8.49 -2.47 28.76
C TYR C 140 -7.64 -3.71 28.95
N ASP C 141 -8.12 -4.61 29.79
CA ASP C 141 -7.47 -5.90 30.00
C ASP C 141 -7.94 -6.86 28.92
N VAL C 142 -7.04 -7.20 28.00
CA VAL C 142 -7.39 -8.06 26.85
C VAL C 142 -7.93 -9.42 27.30
N ALA C 143 -7.26 -10.04 28.27
CA ALA C 143 -7.67 -11.36 28.74
C ALA C 143 -8.97 -11.32 29.53
N ALA C 144 -9.15 -10.27 30.34
CA ALA C 144 -10.37 -10.14 31.13
C ALA C 144 -11.58 -9.93 30.23
N SER C 145 -11.41 -9.11 29.21
CA SER C 145 -12.50 -8.86 28.26
C SER C 145 -12.85 -10.11 27.47
N LYS C 146 -11.83 -10.85 27.05
CA LYS C 146 -12.07 -12.08 26.29
C LYS C 146 -12.77 -13.12 27.15
N LEU C 147 -12.41 -13.16 28.43
CA LEU C 147 -13.03 -14.08 29.38
C LEU C 147 -14.54 -13.88 29.48
N ALA C 148 -14.96 -12.62 29.63
CA ALA C 148 -16.37 -12.30 29.75
C ALA C 148 -17.10 -12.46 28.42
N ALA C 149 -16.42 -12.15 27.33
CA ALA C 149 -17.01 -12.25 25.99
C ALA C 149 -17.40 -13.69 25.66
N ALA C 150 -16.68 -14.65 26.24
CA ALA C 150 -16.95 -16.06 26.00
C ALA C 150 -18.28 -16.49 26.62
N LEU C 151 -18.67 -15.81 27.69
CA LEU C 151 -19.91 -16.12 28.38
C LEU C 151 -21.06 -15.19 27.97
#